data_5KC4
#
_entry.id   5KC4
#
_cell.length_a   65.769
_cell.length_b   80.784
_cell.length_c   118.028
_cell.angle_alpha   90.00
_cell.angle_beta   90.00
_cell.angle_gamma   90.00
#
_symmetry.space_group_name_H-M   'P 21 21 21'
#
loop_
_entity.id
_entity.type
_entity.pdbx_description
1 polymer 'Riboflavin transporter RibU'
2 non-polymer RIBOFLAVIN
3 non-polymer 'nonyl beta-D-glucopyranoside'
#
_entity_poly.entity_id   1
_entity_poly.type   'polypeptide(L)'
_entity_poly.pdbx_seq_one_letter_code
;MGSSIKKISFVGIFSALATLVMFLEFPIFPQASFLKYDPSEIPALIVSFLLGPGVGMFVVLVKDILFFLMKSGDPVGIAM
NAVLGMSFVGIAGLIYHRNKSRATAIKGMIVATLFATAFALGLNALIVPLYFEAPFELYLKFFPFILAFNLVKFGIDSVV
TFFVYKKVSSILKLSNSLVPR
;
_entity_poly.pdbx_strand_id   A,E
#
# COMPACT_ATOMS: atom_id res chain seq x y z
N SER A 3 -8.10 -34.67 -10.93
CA SER A 3 -9.26 -35.45 -10.49
C SER A 3 -9.09 -35.92 -9.05
N SER A 4 -9.33 -35.00 -8.12
CA SER A 4 -9.15 -35.24 -6.69
C SER A 4 -7.74 -35.74 -6.40
N ILE A 5 -7.56 -37.06 -6.38
CA ILE A 5 -6.26 -37.63 -6.04
C ILE A 5 -5.21 -37.21 -7.07
N LYS A 6 -5.59 -37.15 -8.35
CA LYS A 6 -4.65 -36.73 -9.38
C LYS A 6 -4.22 -35.28 -9.20
N LYS A 7 -5.12 -34.44 -8.67
CA LYS A 7 -4.84 -33.02 -8.51
C LYS A 7 -4.10 -32.71 -7.22
N ILE A 8 -4.40 -33.45 -6.15
CA ILE A 8 -3.70 -33.28 -4.88
C ILE A 8 -2.20 -33.45 -5.06
N SER A 9 -1.81 -34.50 -5.79
CA SER A 9 -0.39 -34.72 -6.05
C SER A 9 0.18 -33.60 -6.91
N PHE A 10 -0.57 -33.15 -7.91
CA PHE A 10 -0.14 -32.03 -8.75
C PHE A 10 0.18 -30.81 -7.92
N VAL A 11 -0.68 -30.49 -6.96
CA VAL A 11 -0.42 -29.39 -6.04
C VAL A 11 0.80 -29.68 -5.18
N GLY A 12 0.90 -30.93 -4.69
CA GLY A 12 1.96 -31.27 -3.76
C GLY A 12 3.35 -31.12 -4.36
N ILE A 13 3.51 -31.50 -5.63
CA ILE A 13 4.82 -31.41 -6.26
C ILE A 13 5.10 -30.00 -6.76
N PHE A 14 4.06 -29.22 -7.08
CA PHE A 14 4.29 -27.84 -7.49
C PHE A 14 4.70 -26.98 -6.30
N SER A 15 4.03 -27.15 -5.16
CA SER A 15 4.48 -26.46 -3.96
C SER A 15 5.88 -26.91 -3.57
N ALA A 16 6.11 -28.22 -3.54
CA ALA A 16 7.47 -28.71 -3.32
C ALA A 16 8.41 -28.30 -4.45
N LEU A 17 7.87 -27.96 -5.62
CA LEU A 17 8.69 -27.37 -6.67
C LEU A 17 9.03 -25.93 -6.33
N ALA A 18 8.07 -25.17 -5.83
CA ALA A 18 8.31 -23.78 -5.49
C ALA A 18 9.25 -23.66 -4.30
N THR A 19 9.10 -24.54 -3.30
CA THR A 19 10.02 -24.55 -2.17
C THR A 19 11.46 -24.70 -2.65
N LEU A 20 11.69 -25.57 -3.64
CA LEU A 20 13.01 -25.68 -4.25
C LEU A 20 13.47 -24.35 -4.83
N VAL A 21 12.68 -23.77 -5.73
CA VAL A 21 13.10 -22.59 -6.47
C VAL A 21 13.45 -21.45 -5.52
N MET A 22 12.91 -21.47 -4.31
CA MET A 22 13.19 -20.47 -3.28
C MET A 22 14.62 -20.52 -2.75
N PHE A 23 15.49 -21.37 -3.28
CA PHE A 23 16.88 -21.41 -2.83
C PHE A 23 17.82 -20.69 -3.77
N LEU A 24 17.30 -20.10 -4.85
CA LEU A 24 18.05 -19.19 -5.70
C LEU A 24 17.70 -17.73 -5.42
N GLU A 25 17.43 -17.41 -4.16
CA GLU A 25 17.00 -16.07 -3.78
C GLU A 25 18.21 -15.16 -3.66
N PHE A 26 18.17 -14.01 -4.31
CA PHE A 26 19.27 -13.06 -4.36
C PHE A 26 18.77 -11.67 -4.04
N PRO A 27 19.59 -10.81 -3.43
CA PRO A 27 19.10 -9.55 -2.90
C PRO A 27 18.90 -8.44 -3.92
N ILE A 28 19.13 -8.70 -5.20
CA ILE A 28 19.01 -7.74 -6.32
C ILE A 28 19.52 -6.34 -5.97
N PHE A 29 18.94 -5.71 -4.94
CA PHE A 29 19.39 -4.39 -4.51
C PHE A 29 20.55 -4.54 -3.53
N PRO A 30 21.76 -4.09 -3.87
CA PRO A 30 22.89 -4.23 -2.94
C PRO A 30 22.68 -3.51 -1.63
N GLN A 31 22.02 -2.34 -1.66
CA GLN A 31 21.71 -1.64 -0.42
C GLN A 31 20.75 -2.46 0.44
N ALA A 32 19.66 -2.94 -0.17
CA ALA A 32 18.61 -3.64 0.55
C ALA A 32 18.91 -5.14 0.55
N SER A 33 19.79 -5.54 1.47
CA SER A 33 20.11 -6.95 1.65
C SER A 33 18.94 -7.76 2.20
N PHE A 34 17.86 -7.11 2.63
CA PHE A 34 16.70 -7.82 3.16
C PHE A 34 15.71 -8.21 2.07
N LEU A 35 15.63 -7.41 1.00
CA LEU A 35 14.75 -7.71 -0.12
C LEU A 35 15.44 -8.70 -1.04
N LYS A 36 14.93 -9.93 -1.11
CA LYS A 36 15.55 -11.01 -1.87
C LYS A 36 14.54 -11.60 -2.85
N TYR A 37 14.94 -11.72 -4.12
CA TYR A 37 14.04 -12.15 -5.17
C TYR A 37 14.17 -13.64 -5.44
N ASP A 38 13.04 -14.34 -5.45
CA ASP A 38 12.93 -15.72 -5.90
C ASP A 38 11.73 -15.86 -6.80
N PRO A 39 11.82 -16.70 -7.84
CA PRO A 39 10.71 -16.84 -8.79
C PRO A 39 9.76 -17.98 -8.45
N SER A 40 9.66 -18.32 -7.16
CA SER A 40 8.79 -19.40 -6.74
C SER A 40 7.32 -19.01 -6.72
N GLU A 41 7.00 -17.74 -6.94
CA GLU A 41 5.61 -17.32 -7.03
C GLU A 41 5.00 -17.62 -8.39
N ILE A 42 5.76 -18.19 -9.30
CA ILE A 42 5.30 -18.53 -10.64
C ILE A 42 4.61 -19.89 -10.62
N PRO A 43 5.11 -20.88 -9.86
CA PRO A 43 4.30 -22.10 -9.64
C PRO A 43 2.91 -21.84 -9.07
N ALA A 44 2.83 -21.03 -8.01
CA ALA A 44 1.55 -20.78 -7.37
C ALA A 44 0.61 -20.01 -8.31
N LEU A 45 1.16 -19.08 -9.09
CA LEU A 45 0.34 -18.34 -10.04
C LEU A 45 -0.24 -19.26 -11.11
N ILE A 46 0.51 -20.28 -11.52
CA ILE A 46 -0.01 -21.25 -12.46
C ILE A 46 -1.06 -22.13 -11.79
N VAL A 47 -0.81 -22.57 -10.55
CA VAL A 47 -1.76 -23.38 -9.82
C VAL A 47 -3.06 -22.60 -9.59
N SER A 48 -2.93 -21.31 -9.26
CA SER A 48 -4.11 -20.50 -8.97
C SER A 48 -5.01 -20.35 -10.19
N PHE A 49 -4.42 -20.27 -11.38
CA PHE A 49 -5.22 -20.11 -12.60
C PHE A 49 -5.98 -21.39 -12.95
N LEU A 50 -5.32 -22.54 -12.80
CA LEU A 50 -6.00 -23.80 -13.12
C LEU A 50 -6.99 -24.18 -12.03
N LEU A 51 -6.55 -24.18 -10.77
CA LEU A 51 -7.31 -24.83 -9.70
C LEU A 51 -8.02 -23.86 -8.77
N GLY A 52 -7.76 -22.55 -8.85
CA GLY A 52 -8.50 -21.59 -8.07
C GLY A 52 -7.65 -20.74 -7.15
N PRO A 53 -8.20 -19.61 -6.71
CA PRO A 53 -7.42 -18.68 -5.86
C PRO A 53 -7.07 -19.26 -4.50
N GLY A 54 -7.98 -20.01 -3.88
CA GLY A 54 -7.68 -20.57 -2.58
C GLY A 54 -6.54 -21.57 -2.62
N VAL A 55 -6.46 -22.35 -3.70
CA VAL A 55 -5.40 -23.35 -3.82
C VAL A 55 -4.05 -22.68 -4.02
N GLY A 56 -4.00 -21.62 -4.83
CA GLY A 56 -2.75 -20.93 -5.05
C GLY A 56 -2.15 -20.37 -3.77
N MET A 57 -3.00 -19.83 -2.89
CA MET A 57 -2.51 -19.34 -1.61
C MET A 57 -2.10 -20.49 -0.70
N PHE A 58 -2.78 -21.64 -0.81
CA PHE A 58 -2.36 -22.81 -0.06
C PHE A 58 -0.93 -23.20 -0.41
N VAL A 59 -0.55 -23.06 -1.68
CA VAL A 59 0.77 -23.49 -2.14
C VAL A 59 1.85 -22.62 -1.50
N VAL A 60 1.76 -21.31 -1.68
CA VAL A 60 2.75 -20.40 -1.09
C VAL A 60 2.74 -20.51 0.42
N LEU A 61 1.59 -20.85 1.01
CA LEU A 61 1.56 -21.09 2.44
C LEU A 61 2.42 -22.28 2.82
N VAL A 62 2.17 -23.44 2.20
CA VAL A 62 2.96 -24.62 2.54
C VAL A 62 4.39 -24.46 2.06
N LYS A 63 4.59 -23.80 0.91
CA LYS A 63 5.94 -23.55 0.41
C LYS A 63 6.80 -22.86 1.47
N ASP A 64 6.31 -21.74 2.00
CA ASP A 64 7.11 -20.98 2.94
C ASP A 64 7.24 -21.70 4.27
N ILE A 65 6.23 -22.48 4.67
CA ILE A 65 6.36 -23.29 5.87
C ILE A 65 7.51 -24.28 5.71
N LEU A 66 7.50 -25.06 4.63
CA LEU A 66 8.63 -25.95 4.35
C LEU A 66 9.93 -25.16 4.28
N PHE A 67 9.93 -24.07 3.50
CA PHE A 67 11.13 -23.26 3.39
C PHE A 67 11.55 -22.69 4.74
N PHE A 68 10.58 -22.41 5.62
CA PHE A 68 10.93 -21.96 6.96
C PHE A 68 11.49 -23.11 7.79
N LEU A 69 10.94 -24.32 7.62
CA LEU A 69 11.48 -25.46 8.33
C LEU A 69 12.91 -25.75 7.93
N MET A 70 13.27 -25.44 6.69
CA MET A 70 14.63 -25.66 6.22
C MET A 70 15.51 -24.44 6.38
N LYS A 71 14.93 -23.23 6.33
CA LYS A 71 15.65 -22.00 6.64
C LYS A 71 15.12 -21.40 7.94
N SER A 72 15.22 -22.17 9.03
CA SER A 72 14.73 -21.73 10.33
C SER A 72 15.60 -20.57 10.83
N GLY A 73 15.07 -19.35 10.73
CA GLY A 73 15.80 -18.19 11.18
C GLY A 73 15.32 -16.90 10.55
N ASP A 74 14.16 -16.95 9.89
CA ASP A 74 13.56 -15.77 9.29
C ASP A 74 12.04 -15.80 9.41
N PRO A 75 11.48 -15.90 10.62
CA PRO A 75 10.00 -15.99 10.71
C PRO A 75 9.30 -14.77 10.14
N VAL A 76 9.72 -13.56 10.53
CA VAL A 76 9.06 -12.35 10.07
C VAL A 76 9.25 -12.16 8.58
N GLY A 77 10.45 -12.45 8.08
CA GLY A 77 10.68 -12.34 6.65
C GLY A 77 9.87 -13.33 5.85
N ILE A 78 9.87 -14.59 6.29
CA ILE A 78 9.09 -15.60 5.59
C ILE A 78 7.60 -15.34 5.76
N ALA A 79 7.17 -14.93 6.95
CA ALA A 79 5.78 -14.53 7.13
C ALA A 79 5.41 -13.36 6.25
N MET A 80 6.38 -12.48 5.96
CA MET A 80 6.12 -11.37 5.04
C MET A 80 5.96 -11.88 3.62
N ASN A 81 6.85 -12.78 3.20
CA ASN A 81 6.76 -13.34 1.85
C ASN A 81 5.48 -14.15 1.68
N ALA A 82 5.05 -14.84 2.73
CA ALA A 82 3.81 -15.62 2.66
C ALA A 82 2.59 -14.70 2.58
N VAL A 83 2.58 -13.65 3.41
CA VAL A 83 1.45 -12.72 3.41
C VAL A 83 1.37 -12.00 2.07
N LEU A 84 2.50 -11.51 1.57
CA LEU A 84 2.50 -10.83 0.27
C LEU A 84 2.25 -11.82 -0.86
N GLY A 85 2.81 -13.04 -0.76
CA GLY A 85 2.65 -14.00 -1.82
C GLY A 85 1.21 -14.48 -1.96
N MET A 86 0.60 -14.89 -0.84
CA MET A 86 -0.80 -15.30 -0.86
C MET A 86 -1.69 -14.20 -1.43
N SER A 87 -1.38 -12.94 -1.12
CA SER A 87 -2.18 -11.83 -1.62
C SER A 87 -2.02 -11.68 -3.13
N PHE A 88 -0.84 -11.99 -3.67
CA PHE A 88 -0.60 -11.81 -5.09
C PHE A 88 -1.38 -12.82 -5.92
N VAL A 89 -1.42 -14.08 -5.47
CA VAL A 89 -2.04 -15.13 -6.27
C VAL A 89 -3.56 -15.13 -6.10
N GLY A 90 -4.05 -14.90 -4.89
CA GLY A 90 -5.49 -14.92 -4.68
C GLY A 90 -6.21 -13.83 -5.44
N ILE A 91 -5.61 -12.65 -5.53
CA ILE A 91 -6.20 -11.55 -6.31
C ILE A 91 -6.13 -11.87 -7.80
N ALA A 92 -4.96 -12.30 -8.28
CA ALA A 92 -4.84 -12.68 -9.69
C ALA A 92 -5.74 -13.86 -10.04
N GLY A 93 -5.90 -14.81 -9.11
CA GLY A 93 -6.82 -15.91 -9.35
C GLY A 93 -8.26 -15.44 -9.46
N LEU A 94 -8.66 -14.53 -8.57
CA LEU A 94 -10.05 -14.09 -8.51
C LEU A 94 -10.47 -13.33 -9.77
N ILE A 95 -9.60 -12.46 -10.28
CA ILE A 95 -9.94 -11.71 -11.49
C ILE A 95 -10.11 -12.65 -12.67
N TYR A 96 -9.19 -13.61 -12.82
CA TYR A 96 -9.25 -14.58 -13.91
C TYR A 96 -10.48 -15.49 -13.83
N HIS A 97 -11.16 -15.54 -12.68
CA HIS A 97 -11.94 -16.72 -12.35
C HIS A 97 -13.45 -16.52 -12.55
N ARG A 98 -13.90 -15.33 -12.97
CA ARG A 98 -15.31 -15.15 -13.32
C ARG A 98 -15.53 -14.92 -14.80
N ASN A 99 -14.56 -14.37 -15.52
CA ASN A 99 -14.58 -14.28 -16.97
C ASN A 99 -13.36 -15.05 -17.46
N LYS A 100 -13.57 -16.32 -17.87
CA LYS A 100 -12.46 -17.14 -18.35
C LYS A 100 -11.67 -16.47 -19.46
N SER A 101 -12.26 -15.46 -20.13
CA SER A 101 -11.60 -14.62 -21.12
C SER A 101 -10.16 -14.30 -20.72
N ARG A 102 -9.23 -14.46 -21.66
CA ARG A 102 -7.82 -14.20 -21.38
C ARG A 102 -7.55 -12.75 -20.99
N ALA A 103 -8.53 -11.85 -21.18
CA ALA A 103 -8.35 -10.46 -20.75
C ALA A 103 -8.18 -10.38 -19.24
N THR A 104 -9.01 -11.11 -18.49
CA THR A 104 -8.93 -11.08 -17.04
C THR A 104 -7.62 -11.67 -16.50
N ALA A 105 -6.90 -12.43 -17.32
CA ALA A 105 -5.62 -12.96 -16.87
C ALA A 105 -4.63 -11.84 -16.62
N ILE A 106 -4.51 -10.89 -17.56
CA ILE A 106 -3.54 -9.81 -17.40
C ILE A 106 -4.11 -8.69 -16.55
N LYS A 107 -5.43 -8.47 -16.58
CA LYS A 107 -6.01 -7.46 -15.73
C LYS A 107 -5.87 -7.83 -14.27
N GLY A 108 -5.88 -9.12 -13.97
CA GLY A 108 -5.62 -9.55 -12.60
C GLY A 108 -4.16 -9.43 -12.21
N MET A 109 -3.25 -9.66 -13.15
CA MET A 109 -1.83 -9.57 -12.84
C MET A 109 -1.38 -8.12 -12.70
N ILE A 110 -1.91 -7.22 -13.52
CA ILE A 110 -1.63 -5.81 -13.35
C ILE A 110 -2.11 -5.33 -11.99
N VAL A 111 -3.33 -5.70 -11.62
CA VAL A 111 -3.90 -5.30 -10.34
C VAL A 111 -3.13 -5.95 -9.19
N ALA A 112 -2.92 -7.27 -9.28
CA ALA A 112 -2.25 -7.98 -8.19
C ALA A 112 -0.85 -7.46 -7.95
N THR A 113 -0.14 -7.12 -9.03
CA THR A 113 1.19 -6.54 -8.88
C THR A 113 1.13 -5.22 -8.14
N LEU A 114 0.11 -4.41 -8.44
CA LEU A 114 -0.02 -3.11 -7.79
C LEU A 114 -0.46 -3.26 -6.34
N PHE A 115 -1.42 -4.15 -6.08
CA PHE A 115 -1.89 -4.35 -4.72
C PHE A 115 -0.77 -4.86 -3.83
N ALA A 116 -0.12 -5.96 -4.24
CA ALA A 116 0.94 -6.54 -3.42
C ALA A 116 2.06 -5.54 -3.18
N THR A 117 2.32 -4.67 -4.16
CA THR A 117 3.28 -3.60 -3.95
C THR A 117 2.80 -2.63 -2.88
N ALA A 118 1.53 -2.23 -2.95
CA ALA A 118 0.97 -1.33 -1.97
C ALA A 118 0.86 -2.00 -0.60
N PHE A 119 0.53 -3.30 -0.60
CA PHE A 119 0.45 -4.03 0.66
C PHE A 119 1.81 -4.14 1.32
N ALA A 120 2.88 -4.14 0.53
CA ALA A 120 4.23 -4.29 1.08
C ALA A 120 4.69 -3.00 1.76
N LEU A 121 4.40 -1.85 1.15
CA LEU A 121 4.80 -0.57 1.75
C LEU A 121 4.07 -0.34 3.06
N GLY A 122 2.75 -0.59 3.08
CA GLY A 122 2.00 -0.45 4.31
C GLY A 122 2.46 -1.43 5.38
N LEU A 123 2.87 -2.62 4.97
CA LEU A 123 3.31 -3.63 5.93
C LEU A 123 4.67 -3.25 6.51
N ASN A 124 5.65 -3.00 5.65
CA ASN A 124 6.99 -2.56 6.08
C ASN A 124 6.95 -1.27 6.88
N ALA A 125 5.91 -0.44 6.72
CA ALA A 125 5.83 0.82 7.43
C ALA A 125 5.89 0.58 8.94
N LEU A 126 5.22 -0.45 9.43
CA LEU A 126 5.22 -0.80 10.84
C LEU A 126 5.97 -2.09 11.13
N ILE A 127 6.84 -2.52 10.21
CA ILE A 127 7.64 -3.72 10.40
C ILE A 127 9.14 -3.41 10.30
N VAL A 128 9.56 -2.71 9.26
CA VAL A 128 10.97 -2.33 9.10
C VAL A 128 11.43 -1.53 10.32
N PRO A 129 10.62 -0.61 10.86
CA PRO A 129 10.96 -0.05 12.17
C PRO A 129 11.06 -1.09 13.27
N LEU A 130 10.14 -2.06 13.29
CA LEU A 130 10.14 -3.03 14.38
C LEU A 130 11.19 -4.12 14.20
N TYR A 131 11.36 -4.62 12.97
CA TYR A 131 12.34 -5.67 12.73
C TYR A 131 13.76 -5.21 13.05
N PHE A 132 14.16 -4.08 12.48
CA PHE A 132 15.47 -3.53 12.81
C PHE A 132 15.48 -2.80 14.15
N GLU A 133 14.35 -2.79 14.88
CA GLU A 133 14.24 -2.11 16.17
C GLU A 133 14.72 -0.66 16.07
N ALA A 134 14.23 0.03 15.04
CA ALA A 134 14.75 1.35 14.63
C ALA A 134 13.64 2.38 14.60
N PRO A 135 13.91 3.66 14.38
CA PRO A 135 12.83 4.62 14.19
C PRO A 135 12.23 4.55 12.79
N PHE A 136 11.16 5.32 12.61
CA PHE A 136 10.40 5.29 11.37
C PHE A 136 11.19 5.83 10.18
N GLU A 137 12.27 6.57 10.42
CA GLU A 137 12.97 7.20 9.32
C GLU A 137 13.73 6.18 8.49
N LEU A 138 14.13 5.06 9.09
CA LEU A 138 14.83 4.02 8.35
C LEU A 138 13.97 3.47 7.22
N TYR A 139 12.70 3.18 7.52
CA TYR A 139 11.73 2.80 6.50
C TYR A 139 11.74 3.74 5.29
N LEU A 140 11.76 5.03 5.55
CA LEU A 140 11.70 6.01 4.45
C LEU A 140 12.98 6.01 3.63
N LYS A 141 14.12 5.71 4.26
CA LYS A 141 15.35 5.51 3.50
C LYS A 141 15.20 4.34 2.54
N PHE A 142 14.49 3.30 2.98
CA PHE A 142 14.29 2.08 2.20
C PHE A 142 13.11 2.18 1.25
N PHE A 143 12.31 3.23 1.36
CA PHE A 143 11.02 3.30 0.67
C PHE A 143 11.12 3.10 -0.83
N PRO A 144 11.96 3.82 -1.58
CA PRO A 144 11.98 3.61 -3.03
C PRO A 144 12.49 2.24 -3.44
N PHE A 145 13.25 1.56 -2.58
CA PHE A 145 13.72 0.23 -2.90
C PHE A 145 12.63 -0.80 -2.66
N ILE A 146 11.85 -0.63 -1.59
CA ILE A 146 10.70 -1.49 -1.34
C ILE A 146 9.68 -1.34 -2.47
N LEU A 147 9.50 -0.11 -2.96
CA LEU A 147 8.57 0.12 -4.05
C LEU A 147 9.06 -0.54 -5.35
N ALA A 148 10.32 -0.29 -5.71
CA ALA A 148 10.84 -0.82 -6.96
C ALA A 148 10.95 -2.34 -6.93
N PHE A 149 11.30 -2.90 -5.77
CA PHE A 149 11.45 -4.35 -5.64
C PHE A 149 10.16 -5.09 -5.96
N ASN A 150 9.15 -4.92 -5.11
CA ASN A 150 7.92 -5.69 -5.28
C ASN A 150 7.22 -5.34 -6.58
N LEU A 151 7.48 -4.14 -7.12
CA LEU A 151 6.96 -3.81 -8.45
C LEU A 151 7.67 -4.59 -9.53
N VAL A 152 8.94 -4.93 -9.32
CA VAL A 152 9.69 -5.72 -10.29
C VAL A 152 9.52 -7.22 -10.04
N LYS A 153 9.54 -7.63 -8.78
CA LYS A 153 9.37 -9.04 -8.44
C LYS A 153 8.06 -9.59 -8.99
N PHE A 154 6.95 -8.96 -8.62
CA PHE A 154 5.65 -9.45 -9.06
C PHE A 154 5.36 -9.10 -10.51
N GLY A 155 5.98 -8.03 -11.03
CA GLY A 155 5.83 -7.73 -12.44
C GLY A 155 6.52 -8.76 -13.31
N ILE A 156 7.72 -9.19 -12.91
CA ILE A 156 8.42 -10.24 -13.65
C ILE A 156 7.64 -11.55 -13.56
N ASP A 157 7.23 -11.93 -12.34
CA ASP A 157 6.42 -13.12 -12.16
C ASP A 157 5.14 -13.06 -12.99
N SER A 158 4.56 -11.87 -13.15
CA SER A 158 3.37 -11.73 -13.98
C SER A 158 3.67 -11.98 -15.45
N VAL A 159 4.74 -11.38 -15.97
CA VAL A 159 5.02 -11.51 -17.40
C VAL A 159 5.65 -12.87 -17.72
N VAL A 160 6.36 -13.48 -16.77
CA VAL A 160 6.97 -14.78 -17.04
C VAL A 160 5.89 -15.85 -17.11
N THR A 161 4.93 -15.81 -16.17
CA THR A 161 3.81 -16.73 -16.22
C THR A 161 2.99 -16.55 -17.48
N PHE A 162 3.02 -15.36 -18.08
CA PHE A 162 2.30 -15.13 -19.32
C PHE A 162 3.01 -15.72 -20.52
N PHE A 163 4.34 -15.67 -20.54
CA PHE A 163 5.10 -16.35 -21.59
C PHE A 163 5.20 -17.84 -21.37
N VAL A 164 4.68 -18.35 -20.25
CA VAL A 164 4.48 -19.79 -20.10
C VAL A 164 3.17 -20.20 -20.77
N TYR A 165 2.09 -19.45 -20.51
CA TYR A 165 0.85 -19.74 -21.21
C TYR A 165 1.00 -19.48 -22.71
N LYS A 166 1.71 -18.41 -23.08
CA LYS A 166 1.98 -18.16 -24.49
C LYS A 166 2.70 -19.34 -25.12
N LYS A 167 3.84 -19.72 -24.54
CA LYS A 167 4.61 -20.86 -25.01
C LYS A 167 3.88 -22.17 -24.75
N VAL A 168 2.95 -22.53 -25.62
CA VAL A 168 2.32 -23.85 -25.60
C VAL A 168 2.07 -24.32 -27.03
N SER B 3 6.73 33.58 19.76
CA SER B 3 6.39 33.01 21.06
C SER B 3 5.62 31.71 20.90
N SER B 4 5.65 30.87 21.93
CA SER B 4 4.87 29.64 21.90
C SER B 4 3.37 29.93 21.89
N ILE B 5 2.92 30.80 22.79
CA ILE B 5 1.50 31.14 22.88
C ILE B 5 1.00 31.68 21.54
N LYS B 6 1.78 32.55 20.90
CA LYS B 6 1.42 33.03 19.57
C LYS B 6 1.29 31.88 18.58
N LYS B 7 2.13 30.85 18.72
CA LYS B 7 2.11 29.74 17.78
C LYS B 7 0.93 28.80 18.03
N ILE B 8 0.57 28.59 19.30
CA ILE B 8 -0.59 27.76 19.62
C ILE B 8 -1.86 28.37 19.02
N SER B 9 -1.92 29.71 18.93
CA SER B 9 -3.06 30.34 18.29
C SER B 9 -3.04 30.13 16.79
N PHE B 10 -1.86 30.06 16.19
CA PHE B 10 -1.76 29.81 14.76
C PHE B 10 -2.24 28.41 14.40
N VAL B 11 -1.95 27.43 15.25
CA VAL B 11 -2.36 26.06 14.98
C VAL B 11 -3.85 25.88 15.24
N GLY B 12 -4.40 26.62 16.21
CA GLY B 12 -5.80 26.47 16.52
C GLY B 12 -6.71 27.06 15.46
N ILE B 13 -6.32 28.21 14.89
CA ILE B 13 -7.18 28.82 13.87
C ILE B 13 -6.99 28.09 12.55
N PHE B 14 -5.82 27.49 12.34
CA PHE B 14 -5.60 26.75 11.11
C PHE B 14 -6.33 25.40 11.15
N SER B 15 -6.37 24.78 12.33
CA SER B 15 -7.13 23.53 12.47
C SER B 15 -8.62 23.78 12.28
N ALA B 16 -9.11 24.94 12.71
CA ALA B 16 -10.51 25.29 12.51
C ALA B 16 -10.79 25.58 11.04
N LEU B 17 -9.90 26.32 10.38
CA LEU B 17 -10.05 26.56 8.94
C LEU B 17 -10.18 25.25 8.19
N ALA B 18 -9.37 24.26 8.53
CA ALA B 18 -9.47 22.96 7.89
C ALA B 18 -10.82 22.30 8.21
N THR B 19 -11.28 22.41 9.45
CA THR B 19 -12.59 21.86 9.80
C THR B 19 -13.70 22.50 8.97
N LEU B 20 -13.47 23.71 8.48
CA LEU B 20 -14.49 24.41 7.69
C LEU B 20 -14.48 23.96 6.24
N VAL B 21 -13.31 23.94 5.60
CA VAL B 21 -13.24 23.56 4.19
C VAL B 21 -13.56 22.09 3.98
N MET B 22 -13.54 21.28 5.05
CA MET B 22 -13.94 19.89 4.97
C MET B 22 -15.44 19.71 4.69
N PHE B 23 -16.24 20.76 4.84
CA PHE B 23 -17.66 20.72 4.49
C PHE B 23 -17.90 20.76 2.99
N LEU B 24 -16.92 21.19 2.20
CA LEU B 24 -17.04 21.21 0.75
C LEU B 24 -16.58 19.91 0.11
N GLU B 25 -16.92 18.76 0.70
CA GLU B 25 -16.48 17.49 0.16
C GLU B 25 -17.53 16.93 -0.80
N PHE B 26 -17.10 16.66 -2.03
CA PHE B 26 -17.92 16.16 -3.12
C PHE B 26 -17.34 14.82 -3.54
N PRO B 27 -18.01 14.04 -4.42
CA PRO B 27 -17.55 12.67 -4.64
C PRO B 27 -16.49 12.46 -5.73
N ILE B 28 -16.29 13.46 -6.60
CA ILE B 28 -15.48 13.38 -7.83
C ILE B 28 -15.72 12.10 -8.63
N PHE B 29 -15.77 10.94 -7.96
CA PHE B 29 -16.10 9.69 -8.63
C PHE B 29 -17.55 9.34 -8.31
N PRO B 30 -18.48 9.44 -9.28
CA PRO B 30 -19.89 9.16 -8.96
C PRO B 30 -20.15 7.69 -8.64
N GLN B 31 -19.60 6.77 -9.43
CA GLN B 31 -19.73 5.35 -9.14
C GLN B 31 -19.15 5.05 -7.76
N ALA B 32 -17.88 5.40 -7.54
CA ALA B 32 -17.25 5.25 -6.24
C ALA B 32 -17.39 6.55 -5.45
N SER B 33 -18.63 6.82 -5.04
CA SER B 33 -19.00 8.06 -4.38
C SER B 33 -18.25 8.23 -3.07
N PHE B 34 -18.58 7.40 -2.08
CA PHE B 34 -17.97 7.30 -0.76
C PHE B 34 -16.57 7.88 -0.56
N LEU B 35 -15.75 7.97 -1.61
CA LEU B 35 -14.43 8.60 -1.54
C LEU B 35 -14.57 10.07 -1.92
N LYS B 36 -14.40 10.99 -0.96
CA LYS B 36 -14.84 12.36 -1.26
C LYS B 36 -13.76 13.39 -0.93
N TYR B 37 -13.61 14.37 -1.82
CA TYR B 37 -12.50 15.31 -1.78
C TYR B 37 -12.85 16.56 -0.97
N ASP B 38 -12.00 16.89 -0.02
CA ASP B 38 -11.97 18.19 0.61
C ASP B 38 -10.52 18.62 0.77
N PRO B 39 -10.24 19.93 0.72
CA PRO B 39 -8.85 20.38 0.78
C PRO B 39 -8.36 20.66 2.19
N SER B 40 -9.04 20.09 3.19
CA SER B 40 -8.69 20.30 4.60
C SER B 40 -7.36 19.68 4.99
N GLU B 41 -6.52 19.28 4.05
CA GLU B 41 -5.17 18.80 4.35
C GLU B 41 -4.10 19.81 4.01
N ILE B 42 -4.41 20.80 3.18
CA ILE B 42 -3.48 21.84 2.79
C ILE B 42 -3.13 22.70 4.01
N PRO B 43 -4.10 23.10 4.84
CA PRO B 43 -3.70 23.78 6.09
C PRO B 43 -2.78 22.95 6.97
N ALA B 44 -3.03 21.65 7.08
CA ALA B 44 -2.16 20.80 7.89
C ALA B 44 -0.79 20.62 7.25
N LEU B 45 -0.71 20.67 5.92
CA LEU B 45 0.58 20.58 5.25
C LEU B 45 1.39 21.85 5.45
N ILE B 46 0.73 23.01 5.50
CA ILE B 46 1.43 24.26 5.75
C ILE B 46 1.93 24.31 7.19
N VAL B 47 1.08 23.93 8.14
CA VAL B 47 1.48 23.92 9.55
C VAL B 47 2.65 22.98 9.76
N SER B 48 2.61 21.80 9.15
CA SER B 48 3.65 20.80 9.38
C SER B 48 4.99 21.26 8.82
N PHE B 49 4.99 22.09 7.78
CA PHE B 49 6.24 22.60 7.24
C PHE B 49 6.83 23.67 8.14
N LEU B 50 5.99 24.54 8.69
CA LEU B 50 6.48 25.61 9.57
C LEU B 50 6.78 25.08 10.97
N LEU B 51 5.83 24.35 11.56
CA LEU B 51 5.90 24.03 12.98
C LEU B 51 6.31 22.61 13.30
N GLY B 52 6.31 21.69 12.32
CA GLY B 52 6.80 20.36 12.54
C GLY B 52 5.83 19.26 12.15
N PRO B 53 6.36 18.05 11.91
CA PRO B 53 5.47 16.94 11.55
C PRO B 53 4.43 16.61 12.60
N GLY B 54 4.83 16.55 13.87
CA GLY B 54 3.89 16.22 14.93
C GLY B 54 2.77 17.24 15.05
N VAL B 55 3.05 18.50 14.79
CA VAL B 55 2.00 19.53 14.86
C VAL B 55 1.03 19.37 13.71
N GLY B 56 1.53 19.11 12.50
CA GLY B 56 0.65 18.91 11.37
C GLY B 56 -0.26 17.71 11.52
N MET B 57 0.23 16.66 12.19
CA MET B 57 -0.61 15.51 12.51
C MET B 57 -1.58 15.82 13.64
N PHE B 58 -1.19 16.70 14.56
CA PHE B 58 -2.12 17.18 15.57
C PHE B 58 -3.28 17.93 14.94
N VAL B 59 -3.01 18.66 13.85
CA VAL B 59 -4.04 19.46 13.19
C VAL B 59 -5.14 18.56 12.63
N VAL B 60 -4.76 17.63 11.76
CA VAL B 60 -5.75 16.76 11.13
C VAL B 60 -6.48 15.93 12.17
N LEU B 61 -5.81 15.57 13.27
CA LEU B 61 -6.46 14.80 14.32
C LEU B 61 -7.60 15.59 14.95
N VAL B 62 -7.34 16.84 15.34
CA VAL B 62 -8.40 17.62 15.99
C VAL B 62 -9.43 18.07 14.97
N LYS B 63 -8.98 18.45 13.77
CA LYS B 63 -9.90 18.86 12.71
C LYS B 63 -10.97 17.81 12.45
N ASP B 64 -10.55 16.54 12.33
CA ASP B 64 -11.51 15.48 12.11
C ASP B 64 -12.38 15.26 13.33
N ILE B 65 -11.81 15.33 14.52
CA ILE B 65 -12.60 15.20 15.74
C ILE B 65 -13.66 16.29 15.79
N LEU B 66 -13.33 17.49 15.33
CA LEU B 66 -14.32 18.55 15.25
C LEU B 66 -15.33 18.28 14.15
N PHE B 67 -14.84 17.88 12.96
CA PHE B 67 -15.74 17.63 11.84
C PHE B 67 -16.70 16.49 12.11
N PHE B 68 -16.30 15.54 12.96
CA PHE B 68 -17.18 14.45 13.39
C PHE B 68 -18.52 14.99 13.84
N LEU B 69 -18.52 15.75 14.93
CA LEU B 69 -19.75 16.27 15.53
C LEU B 69 -20.40 17.38 14.72
N MET B 70 -19.88 17.70 13.54
CA MET B 70 -20.48 18.74 12.71
C MET B 70 -20.82 18.22 11.31
N ASP B 74 -20.29 9.06 9.91
CA ASP B 74 -19.70 7.73 10.05
C ASP B 74 -18.40 7.76 10.87
N PRO B 75 -18.31 6.86 11.85
CA PRO B 75 -17.12 6.85 12.73
C PRO B 75 -15.82 6.54 12.00
N VAL B 76 -15.85 5.72 10.95
CA VAL B 76 -14.64 5.23 10.32
C VAL B 76 -14.27 6.05 9.09
N GLY B 77 -15.26 6.52 8.32
CA GLY B 77 -14.95 7.38 7.19
C GLY B 77 -14.17 8.62 7.57
N ILE B 78 -14.36 9.09 8.81
CA ILE B 78 -13.49 10.12 9.34
C ILE B 78 -12.20 9.51 9.89
N ALA B 79 -12.31 8.41 10.64
CA ALA B 79 -11.13 7.70 11.13
C ALA B 79 -10.22 7.22 10.01
N MET B 80 -10.72 7.16 8.78
CA MET B 80 -9.84 6.95 7.63
C MET B 80 -9.30 8.27 7.08
N ASN B 81 -10.08 9.34 7.13
CA ASN B 81 -9.54 10.63 6.75
C ASN B 81 -8.42 11.07 7.70
N ALA B 82 -8.52 10.68 8.97
CA ALA B 82 -7.49 11.05 9.94
C ALA B 82 -6.26 10.16 9.79
N VAL B 83 -6.43 8.84 9.89
CA VAL B 83 -5.29 7.93 9.81
C VAL B 83 -4.47 8.22 8.58
N LEU B 84 -5.14 8.36 7.43
CA LEU B 84 -4.43 8.62 6.18
C LEU B 84 -3.90 10.05 6.13
N GLY B 85 -4.62 11.00 6.72
CA GLY B 85 -4.16 12.39 6.69
C GLY B 85 -2.93 12.62 7.55
N MET B 86 -2.96 12.12 8.80
CA MET B 86 -1.78 12.18 9.66
C MET B 86 -0.56 11.61 8.97
N SER B 87 -0.75 10.51 8.23
CA SER B 87 0.34 9.89 7.49
C SER B 87 0.88 10.81 6.42
N PHE B 88 0.00 11.51 5.71
CA PHE B 88 0.44 12.38 4.62
C PHE B 88 1.30 13.53 5.14
N VAL B 89 0.81 14.24 6.16
CA VAL B 89 1.53 15.41 6.65
C VAL B 89 2.71 15.02 7.53
N GLY B 90 2.63 13.88 8.21
CA GLY B 90 3.74 13.44 9.05
C GLY B 90 4.95 13.05 8.24
N ILE B 91 4.75 12.33 7.13
CA ILE B 91 5.86 11.95 6.27
C ILE B 91 6.44 13.18 5.57
N ALA B 92 5.58 13.99 4.96
CA ALA B 92 6.06 15.12 4.17
C ALA B 92 6.90 16.07 5.00
N GLY B 93 6.39 16.46 6.17
CA GLY B 93 7.18 17.31 7.06
C GLY B 93 8.43 16.64 7.57
N LEU B 94 8.38 15.32 7.77
CA LEU B 94 9.55 14.58 8.21
C LEU B 94 10.57 14.45 7.09
N ILE B 95 10.11 14.19 5.87
CA ILE B 95 10.99 14.12 4.70
C ILE B 95 11.21 15.55 4.23
N TYR B 96 11.67 16.40 5.14
CA TYR B 96 11.90 17.81 4.86
C TYR B 96 12.60 18.47 6.04
N HIS B 97 12.11 18.19 7.25
CA HIS B 97 12.64 18.83 8.45
C HIS B 97 14.02 18.27 8.84
N ARG B 98 14.74 17.69 7.89
CA ARG B 98 16.13 17.30 8.07
C ARG B 98 17.09 18.26 7.38
N ASN B 99 16.57 19.31 6.73
CA ASN B 99 17.38 20.33 6.09
C ASN B 99 16.52 21.50 5.67
N LYS B 100 15.21 21.26 5.56
CA LYS B 100 14.25 22.25 5.05
C LYS B 100 14.63 22.77 3.68
N SER B 101 15.43 22.00 2.93
CA SER B 101 15.83 22.41 1.60
C SER B 101 14.62 22.46 0.67
N ARG B 102 14.61 23.45 -0.23
CA ARG B 102 13.56 23.54 -1.23
C ARG B 102 13.50 22.28 -2.09
N ALA B 103 14.63 21.57 -2.20
CA ALA B 103 14.64 20.31 -2.92
C ALA B 103 13.83 19.24 -2.18
N THR B 104 14.09 19.09 -0.87
CA THR B 104 13.37 18.08 -0.09
C THR B 104 11.92 18.45 0.18
N ALA B 105 11.42 19.55 -0.40
CA ALA B 105 10.01 19.86 -0.27
C ALA B 105 9.17 19.03 -1.24
N ILE B 106 9.57 19.00 -2.51
CA ILE B 106 8.83 18.21 -3.49
C ILE B 106 9.04 16.72 -3.25
N LYS B 107 10.26 16.34 -2.83
CA LYS B 107 10.52 14.92 -2.54
C LYS B 107 9.61 14.41 -1.44
N GLY B 108 9.46 15.19 -0.37
CA GLY B 108 8.59 14.77 0.71
C GLY B 108 7.15 14.63 0.28
N MET B 109 6.71 15.49 -0.64
CA MET B 109 5.32 15.45 -1.10
C MET B 109 5.09 14.31 -2.09
N ILE B 110 6.06 14.05 -2.98
CA ILE B 110 5.94 12.91 -3.89
C ILE B 110 5.82 11.62 -3.10
N VAL B 111 6.72 11.42 -2.13
CA VAL B 111 6.69 10.20 -1.33
C VAL B 111 5.43 10.13 -0.49
N ALA B 112 5.06 11.24 0.15
CA ALA B 112 3.88 11.24 1.01
C ALA B 112 2.62 10.93 0.22
N THR B 113 2.53 11.43 -1.02
CA THR B 113 1.40 11.06 -1.87
C THR B 113 1.42 9.57 -2.19
N LEU B 114 2.60 9.02 -2.45
CA LEU B 114 2.70 7.60 -2.78
C LEU B 114 2.44 6.73 -1.55
N PHE B 115 2.94 7.15 -0.39
CA PHE B 115 2.76 6.34 0.81
C PHE B 115 1.30 6.29 1.24
N ALA B 116 0.64 7.45 1.28
CA ALA B 116 -0.75 7.48 1.72
C ALA B 116 -1.65 6.70 0.76
N THR B 117 -1.32 6.72 -0.55
CA THR B 117 -2.08 5.94 -1.52
C THR B 117 -1.94 4.44 -1.25
N ALA B 118 -0.72 3.99 -0.95
CA ALA B 118 -0.51 2.59 -0.64
C ALA B 118 -1.14 2.22 0.69
N PHE B 119 -0.97 3.08 1.69
CA PHE B 119 -1.58 2.83 2.99
C PHE B 119 -3.11 2.74 2.89
N ALA B 120 -3.69 3.41 1.91
CA ALA B 120 -5.15 3.37 1.74
C ALA B 120 -5.60 2.05 1.15
N LEU B 121 -4.90 1.57 0.11
CA LEU B 121 -5.30 0.32 -0.53
C LEU B 121 -5.15 -0.85 0.43
N GLY B 122 -4.09 -0.88 1.22
CA GLY B 122 -3.98 -1.89 2.25
C GLY B 122 -5.00 -1.71 3.35
N LEU B 123 -5.36 -0.47 3.66
CA LEU B 123 -6.36 -0.21 4.70
C LEU B 123 -7.76 -0.59 4.23
N ASN B 124 -8.14 -0.10 3.04
CA ASN B 124 -9.45 -0.43 2.48
C ASN B 124 -9.63 -1.91 2.18
N ALA B 125 -8.53 -2.66 2.06
CA ALA B 125 -8.66 -4.09 1.76
C ALA B 125 -9.42 -4.83 2.83
N LEU B 126 -9.39 -4.33 4.07
CA LEU B 126 -10.08 -4.96 5.19
C LEU B 126 -11.16 -4.08 5.79
N ILE B 127 -11.44 -2.93 5.17
CA ILE B 127 -12.52 -2.07 5.64
C ILE B 127 -13.71 -2.21 4.69
N VAL B 128 -13.47 -2.00 3.41
CA VAL B 128 -14.54 -2.05 2.41
C VAL B 128 -15.26 -3.40 2.51
N PRO B 129 -14.56 -4.53 2.71
CA PRO B 129 -15.29 -5.77 3.08
C PRO B 129 -16.18 -5.61 4.30
N LEU B 130 -15.70 -4.93 5.34
CA LEU B 130 -16.47 -4.86 6.58
C LEU B 130 -17.48 -3.72 6.56
N TYR B 131 -17.07 -2.55 6.08
CA TYR B 131 -17.96 -1.39 6.12
C TYR B 131 -19.23 -1.63 5.31
N PHE B 132 -19.10 -2.31 4.18
CA PHE B 132 -20.26 -2.77 3.43
C PHE B 132 -20.67 -4.19 3.82
N GLU B 133 -19.90 -4.84 4.70
CA GLU B 133 -20.16 -6.20 5.17
C GLU B 133 -20.10 -7.16 3.99
N ALA B 134 -19.45 -6.73 2.93
CA ALA B 134 -19.42 -7.43 1.66
C ALA B 134 -18.20 -8.33 1.63
N PRO B 135 -18.08 -9.17 0.62
CA PRO B 135 -16.86 -9.96 0.40
C PRO B 135 -15.80 -9.16 -0.34
N PHE B 136 -14.60 -9.75 -0.42
CA PHE B 136 -13.45 -9.05 -0.98
C PHE B 136 -13.66 -8.65 -2.44
N GLU B 137 -14.57 -9.32 -3.15
CA GLU B 137 -14.76 -9.00 -4.57
C GLU B 137 -15.20 -7.56 -4.75
N LEU B 138 -15.82 -6.95 -3.74
CA LEU B 138 -16.26 -5.56 -3.84
C LEU B 138 -15.07 -4.60 -3.75
N TYR B 139 -14.13 -4.86 -2.84
CA TYR B 139 -12.92 -4.05 -2.78
C TYR B 139 -12.17 -4.08 -4.11
N LEU B 140 -12.06 -5.25 -4.73
CA LEU B 140 -11.39 -5.35 -6.02
C LEU B 140 -12.09 -4.49 -7.07
N LYS B 141 -13.42 -4.46 -7.02
CA LYS B 141 -14.18 -3.57 -7.90
C LYS B 141 -13.81 -2.11 -7.65
N PHE B 142 -13.67 -1.73 -6.37
CA PHE B 142 -13.42 -0.35 -6.01
C PHE B 142 -11.95 0.02 -6.13
N PHE B 143 -11.06 -0.97 -6.24
CA PHE B 143 -9.61 -0.83 -6.21
C PHE B 143 -9.10 0.33 -7.07
N PRO B 144 -9.37 0.37 -8.39
CA PRO B 144 -8.78 1.45 -9.19
C PRO B 144 -9.29 2.83 -8.82
N PHE B 145 -10.52 2.92 -8.32
CA PHE B 145 -11.04 4.22 -7.88
C PHE B 145 -10.32 4.69 -6.62
N ILE B 146 -10.10 3.79 -5.67
CA ILE B 146 -9.34 4.14 -4.47
C ILE B 146 -7.92 4.56 -4.86
N LEU B 147 -7.34 3.91 -5.86
CA LEU B 147 -6.00 4.28 -6.31
C LEU B 147 -6.01 5.68 -6.93
N ALA B 148 -6.88 5.90 -7.90
CA ALA B 148 -6.86 7.18 -8.63
C ALA B 148 -7.29 8.33 -7.72
N PHE B 149 -8.20 8.07 -6.79
CA PHE B 149 -8.66 9.13 -5.89
C PHE B 149 -7.51 9.66 -5.04
N ASN B 150 -6.77 8.76 -4.39
CA ASN B 150 -5.77 9.21 -3.43
C ASN B 150 -4.52 9.75 -4.13
N LEU B 151 -4.19 9.20 -5.31
CA LEU B 151 -3.15 9.80 -6.14
C LEU B 151 -3.51 11.23 -6.52
N VAL B 152 -4.79 11.50 -6.74
CA VAL B 152 -5.22 12.83 -7.14
C VAL B 152 -5.41 13.73 -5.92
N LYS B 153 -6.04 13.20 -4.86
CA LYS B 153 -6.31 14.00 -3.67
C LYS B 153 -5.02 14.55 -3.06
N PHE B 154 -4.10 13.67 -2.70
CA PHE B 154 -2.85 14.12 -2.12
C PHE B 154 -1.93 14.74 -3.16
N GLY B 155 -2.09 14.37 -4.43
CA GLY B 155 -1.29 14.99 -5.47
C GLY B 155 -1.64 16.46 -5.66
N ILE B 156 -2.94 16.77 -5.66
CA ILE B 156 -3.37 18.16 -5.80
C ILE B 156 -3.00 18.95 -4.56
N ASP B 157 -3.23 18.37 -3.37
CA ASP B 157 -2.85 19.04 -2.14
C ASP B 157 -1.35 19.34 -2.11
N SER B 158 -0.55 18.50 -2.76
CA SER B 158 0.89 18.72 -2.80
C SER B 158 1.25 19.88 -3.72
N VAL B 159 0.66 19.95 -4.91
CA VAL B 159 1.05 20.98 -5.87
C VAL B 159 0.49 22.35 -5.46
N VAL B 160 -0.72 22.39 -4.89
CA VAL B 160 -1.29 23.67 -4.47
C VAL B 160 -0.50 24.24 -3.31
N THR B 161 -0.10 23.38 -2.37
CA THR B 161 0.73 23.82 -1.26
C THR B 161 2.06 24.39 -1.75
N PHE B 162 2.62 23.79 -2.80
CA PHE B 162 3.86 24.32 -3.36
C PHE B 162 3.65 25.70 -3.96
N PHE B 163 2.45 26.00 -4.45
CA PHE B 163 2.18 27.32 -5.01
C PHE B 163 1.96 28.36 -3.93
N VAL B 164 1.19 28.02 -2.89
CA VAL B 164 0.99 28.94 -1.78
C VAL B 164 2.31 29.25 -1.10
N TYR B 165 3.24 28.29 -1.07
CA TYR B 165 4.57 28.54 -0.52
C TYR B 165 5.38 29.47 -1.43
N LYS B 166 5.35 29.23 -2.74
CA LYS B 166 6.05 30.11 -3.66
C LYS B 166 5.41 31.49 -3.77
N LYS B 167 4.20 31.69 -3.22
CA LYS B 167 3.50 32.96 -3.30
C LYS B 167 4.15 34.04 -2.43
N VAL B 168 5.26 33.73 -1.75
CA VAL B 168 5.89 34.69 -0.85
C VAL B 168 7.31 35.00 -1.32
#